data_7YWW
#
_entry.id   7YWW
#
_cell.length_a   80.320
_cell.length_b   99.630
_cell.length_c   93.740
_cell.angle_alpha   90.000
_cell.angle_beta   90.000
_cell.angle_gamma   90.000
#
_symmetry.space_group_name_H-M   'C 2 2 21'
#
loop_
_entity.id
_entity.type
_entity.pdbx_description
1 polymer 'Dirigent protein'
2 non-polymer 'IODIDE ION'
3 non-polymer 'PENTAETHYLENE GLYCOL'
4 non-polymer GLYCEROL
5 water water
#
_entity_poly.entity_id   1
_entity_poly.type   'polypeptide(L)'
_entity_poly.pdbx_seq_one_letter_code
;MGSSWSHPQFEKSSGLVPRGSHMLEQCPVTKIGPWGSSHEGTVQDITESPKRLESITLYHGWSVDSISFTYLDHAGEKHK
AGPWGGPGGDPIMIEFGSSEFLKEVSGTFGPYEGSTVITSINFITNKQTYGPFGRQEGTPFSVPAQNNSSIVGFFGRSGK
YINAVGVYVQPI
;
_entity_poly.pdbx_strand_id   A,B
#
# COMPACT_ATOMS: atom_id res chain seq x y z
N GLN A 26 -1.41 -20.81 -8.17
CA GLN A 26 -2.79 -20.31 -8.17
C GLN A 26 -2.80 -18.80 -8.33
N CYS A 27 -3.56 -18.09 -7.47
CA CYS A 27 -3.59 -16.64 -7.52
C CYS A 27 -2.43 -16.09 -6.71
N PRO A 28 -1.54 -15.30 -7.30
CA PRO A 28 -0.44 -14.72 -6.52
C PRO A 28 -0.98 -13.82 -5.43
N VAL A 29 -0.26 -13.77 -4.32
CA VAL A 29 -0.61 -12.89 -3.22
C VAL A 29 -0.18 -11.47 -3.58
N THR A 30 -1.02 -10.49 -3.28
CA THR A 30 -0.68 -9.10 -3.61
C THR A 30 0.55 -8.66 -2.81
N LYS A 31 1.44 -7.93 -3.46
CA LYS A 31 2.64 -7.45 -2.80
C LYS A 31 2.68 -5.94 -2.97
N ILE A 32 2.77 -5.22 -1.86
CA ILE A 32 2.63 -3.77 -1.88
C ILE A 32 3.78 -3.13 -1.09
N GLY A 33 4.35 -2.05 -1.63
CA GLY A 33 5.50 -1.40 -1.00
C GLY A 33 6.71 -1.63 -1.87
N PRO A 34 7.91 -1.47 -1.30
CA PRO A 34 8.17 -1.11 0.09
C PRO A 34 8.17 0.40 0.25
N TRP A 35 8.27 0.81 1.50
CA TRP A 35 8.43 2.20 1.93
C TRP A 35 9.74 2.31 2.67
N GLY A 36 10.45 3.43 2.44
CA GLY A 36 11.74 3.68 3.06
C GLY A 36 12.83 3.93 2.02
N SER A 37 14.05 3.45 2.31
CA SER A 37 15.16 3.63 1.38
C SER A 37 14.97 2.82 0.11
N SER A 38 15.19 3.44 -1.06
CA SER A 38 15.15 2.66 -2.27
C SER A 38 16.43 1.89 -2.55
N HIS A 39 17.53 2.20 -1.83
CA HIS A 39 18.82 1.65 -2.20
C HIS A 39 19.67 1.13 -1.06
N GLU A 40 19.45 1.56 0.19
CA GLU A 40 20.30 1.11 1.28
C GLU A 40 19.94 -0.32 1.66
N GLY A 41 20.89 -1.04 2.24
CA GLY A 41 20.63 -2.41 2.66
C GLY A 41 20.62 -3.35 1.46
N THR A 42 20.40 -4.63 1.74
CA THR A 42 20.15 -5.57 0.67
C THR A 42 18.71 -6.04 0.69
N VAL A 43 18.22 -6.49 -0.47
CA VAL A 43 16.83 -6.93 -0.58
C VAL A 43 16.60 -8.16 0.29
N GLN A 44 15.49 -8.16 1.03
CA GLN A 44 15.07 -9.26 1.85
C GLN A 44 13.67 -9.66 1.40
N ASP A 45 13.43 -10.96 1.31
CA ASP A 45 12.10 -11.40 0.88
C ASP A 45 11.92 -12.85 1.24
N ILE A 46 10.70 -13.32 1.09
CA ILE A 46 10.35 -14.69 1.34
C ILE A 46 10.32 -15.44 0.02
N THR A 47 10.42 -16.76 0.11
CA THR A 47 10.62 -17.61 -1.05
C THR A 47 9.37 -18.38 -1.45
N GLU A 48 8.34 -18.39 -0.60
N GLU A 48 8.36 -18.40 -0.59
CA GLU A 48 7.14 -19.14 -0.91
CA GLU A 48 7.14 -19.13 -0.89
C GLU A 48 5.92 -18.24 -0.74
C GLU A 48 5.97 -18.16 -0.93
N SER A 49 4.79 -18.68 -1.30
CA SER A 49 3.57 -17.89 -1.29
C SER A 49 2.94 -17.94 0.10
N PRO A 50 2.87 -16.82 0.82
CA PRO A 50 2.38 -16.86 2.19
C PRO A 50 0.85 -16.94 2.26
N LYS A 51 0.36 -17.78 3.17
CA LYS A 51 -1.07 -17.96 3.39
C LYS A 51 -1.56 -17.50 4.76
N ARG A 52 -0.75 -17.65 5.80
CA ARG A 52 -1.19 -17.23 7.11
C ARG A 52 0.02 -16.75 7.90
N LEU A 53 -0.15 -15.63 8.60
CA LEU A 53 0.92 -15.10 9.43
C LEU A 53 0.73 -15.62 10.86
N GLU A 54 1.74 -16.32 11.39
N GLU A 54 1.75 -16.32 11.38
CA GLU A 54 1.68 -16.98 12.71
CA GLU A 54 1.70 -16.98 12.68
C GLU A 54 2.24 -16.14 13.84
C GLU A 54 2.20 -16.08 13.80
N SER A 55 3.33 -15.41 13.60
CA SER A 55 3.95 -14.67 14.69
C SER A 55 4.93 -13.67 14.07
N ILE A 56 5.31 -12.67 14.89
CA ILE A 56 6.33 -11.68 14.53
C ILE A 56 7.19 -11.50 15.77
N THR A 57 8.48 -11.36 15.58
CA THR A 57 9.39 -10.89 16.63
C THR A 57 10.07 -9.65 16.08
N LEU A 58 10.19 -8.63 16.92
CA LEU A 58 10.94 -7.46 16.50
C LEU A 58 11.66 -6.89 17.69
N TYR A 59 12.61 -6.05 17.39
CA TYR A 59 13.36 -5.30 18.40
C TYR A 59 13.26 -3.84 18.02
N HIS A 60 13.10 -2.97 19.02
CA HIS A 60 12.93 -1.55 18.76
C HIS A 60 13.74 -0.72 19.78
N GLY A 61 14.19 0.42 19.32
CA GLY A 61 15.02 1.33 20.12
C GLY A 61 15.00 2.65 19.39
N TRP A 62 16.17 3.04 18.89
CA TRP A 62 16.25 4.25 18.09
C TRP A 62 15.47 4.10 16.79
N SER A 63 15.29 2.87 16.36
CA SER A 63 14.53 2.54 15.15
C SER A 63 13.99 1.12 15.35
N VAL A 64 13.33 0.57 14.33
CA VAL A 64 13.00 -0.85 14.35
C VAL A 64 14.25 -1.61 13.95
N ASP A 65 14.95 -2.14 14.95
CA ASP A 65 16.29 -2.65 14.73
C ASP A 65 16.28 -3.93 13.92
N SER A 66 15.28 -4.79 14.14
N SER A 66 15.28 -4.79 14.13
CA SER A 66 15.27 -6.08 13.47
CA SER A 66 15.29 -6.10 13.50
C SER A 66 13.85 -6.62 13.51
C SER A 66 13.88 -6.65 13.53
N ILE A 67 13.57 -7.51 12.55
CA ILE A 67 12.28 -8.18 12.49
C ILE A 67 12.45 -9.60 11.97
N SER A 68 11.60 -10.50 12.49
CA SER A 68 11.45 -11.85 11.99
C SER A 68 9.95 -12.17 12.04
N PHE A 69 9.55 -13.16 11.26
CA PHE A 69 8.15 -13.56 11.32
C PHE A 69 8.04 -14.98 10.82
N THR A 70 7.01 -15.68 11.28
CA THR A 70 6.77 -17.06 10.87
C THR A 70 5.42 -17.09 10.17
N TYR A 71 5.39 -17.76 9.01
CA TYR A 71 4.17 -17.84 8.23
C TYR A 71 3.99 -19.25 7.71
N LEU A 72 2.74 -19.57 7.37
N LEU A 72 2.73 -19.57 7.39
CA LEU A 72 2.40 -20.82 6.69
CA LEU A 72 2.38 -20.79 6.67
C LEU A 72 2.25 -20.51 5.21
C LEU A 72 2.31 -20.47 5.20
N ASP A 73 2.81 -21.36 4.36
CA ASP A 73 2.72 -21.14 2.92
C ASP A 73 1.51 -21.90 2.36
N HIS A 74 1.33 -21.79 1.05
CA HIS A 74 0.18 -22.42 0.44
C HIS A 74 0.33 -23.93 0.29
N ALA A 75 1.52 -24.49 0.52
CA ALA A 75 1.72 -25.94 0.55
C ALA A 75 1.63 -26.51 1.96
N GLY A 76 1.33 -25.68 2.95
CA GLY A 76 1.20 -26.15 4.31
C GLY A 76 2.50 -26.21 5.07
N GLU A 77 3.60 -25.70 4.50
CA GLU A 77 4.86 -25.62 5.23
C GLU A 77 4.97 -24.31 5.99
N LYS A 78 5.59 -24.35 7.16
CA LYS A 78 5.82 -23.16 7.97
C LYS A 78 7.25 -22.72 7.76
N HIS A 79 7.47 -21.42 7.72
CA HIS A 79 8.80 -20.90 7.46
C HIS A 79 9.03 -19.75 8.42
N LYS A 80 10.25 -19.62 8.90
CA LYS A 80 10.61 -18.43 9.66
C LYS A 80 11.53 -17.58 8.81
N ALA A 81 11.11 -16.36 8.55
CA ALA A 81 11.91 -15.41 7.80
C ALA A 81 12.61 -14.49 8.80
N GLY A 82 13.85 -14.12 8.50
CA GLY A 82 14.61 -13.21 9.33
C GLY A 82 15.64 -13.94 10.15
N PRO A 83 16.31 -13.20 11.06
CA PRO A 83 16.08 -11.78 11.35
C PRO A 83 16.63 -10.85 10.24
N TRP A 84 15.87 -9.83 9.93
CA TRP A 84 16.29 -8.79 8.98
C TRP A 84 16.61 -7.55 9.81
N GLY A 85 17.86 -7.06 9.72
CA GLY A 85 18.30 -5.94 10.53
C GLY A 85 19.49 -6.33 11.39
N GLY A 86 19.64 -5.60 12.51
CA GLY A 86 20.84 -5.64 13.29
C GLY A 86 20.53 -5.76 14.76
N PRO A 87 21.57 -5.75 15.57
CA PRO A 87 21.41 -6.01 17.00
C PRO A 87 20.89 -4.80 17.76
N GLY A 88 20.44 -5.06 18.99
CA GLY A 88 20.06 -3.97 19.86
C GLY A 88 18.56 -3.85 19.99
N GLY A 89 18.16 -3.00 20.94
CA GLY A 89 16.75 -2.69 21.15
C GLY A 89 16.05 -3.63 22.13
N ASP A 90 14.80 -3.32 22.41
CA ASP A 90 13.89 -4.05 23.31
C ASP A 90 13.10 -5.05 22.49
N PRO A 91 12.94 -6.28 22.95
CA PRO A 91 12.25 -7.29 22.16
C PRO A 91 10.75 -7.26 22.37
N ILE A 92 10.05 -7.62 21.28
CA ILE A 92 8.60 -7.76 21.22
C ILE A 92 8.31 -9.06 20.48
N MET A 93 7.44 -9.90 21.05
N MET A 93 7.46 -9.91 21.05
CA MET A 93 7.02 -11.15 20.41
CA MET A 93 7.02 -11.14 20.41
C MET A 93 5.51 -11.15 20.32
C MET A 93 5.51 -11.14 20.33
N ILE A 94 4.99 -11.32 19.11
CA ILE A 94 3.55 -11.32 18.87
C ILE A 94 3.17 -12.68 18.31
N GLU A 95 2.24 -13.36 18.98
CA GLU A 95 1.72 -14.63 18.48
C GLU A 95 0.24 -14.41 18.14
N PHE A 96 -0.15 -14.67 16.89
CA PHE A 96 -1.52 -14.47 16.47
C PHE A 96 -2.44 -15.59 16.98
N GLY A 97 -3.61 -15.20 17.47
CA GLY A 97 -4.66 -16.17 17.76
C GLY A 97 -5.11 -16.90 16.50
N SER A 98 -5.76 -18.04 16.73
CA SER A 98 -6.13 -18.93 15.62
C SER A 98 -7.08 -18.27 14.63
N SER A 99 -7.88 -17.30 15.06
CA SER A 99 -8.75 -16.54 14.17
C SER A 99 -8.40 -15.05 14.19
N GLU A 100 -7.13 -14.74 14.47
CA GLU A 100 -6.68 -13.37 14.47
C GLU A 100 -5.83 -13.14 13.24
N PHE A 101 -6.04 -11.99 12.61
CA PHE A 101 -5.26 -11.68 11.42
C PHE A 101 -4.86 -10.22 11.46
N LEU A 102 -3.83 -9.90 10.66
CA LEU A 102 -3.24 -8.59 10.67
C LEU A 102 -3.92 -7.76 9.59
N LYS A 103 -4.57 -6.67 10.01
N LYS A 103 -4.54 -6.65 9.99
CA LYS A 103 -5.32 -5.80 9.10
CA LYS A 103 -5.31 -5.82 9.06
C LYS A 103 -4.51 -4.61 8.61
C LYS A 103 -4.67 -4.48 8.73
N GLU A 104 -3.63 -4.08 9.44
CA GLU A 104 -2.87 -2.91 9.04
C GLU A 104 -1.46 -2.97 9.60
N VAL A 105 -0.51 -2.57 8.77
CA VAL A 105 0.86 -2.23 9.19
C VAL A 105 1.05 -0.76 8.88
N SER A 106 1.63 -0.01 9.82
CA SER A 106 1.93 1.39 9.54
C SER A 106 3.22 1.73 10.28
N GLY A 107 3.78 2.88 9.98
CA GLY A 107 5.05 3.23 10.60
C GLY A 107 5.57 4.53 10.08
N THR A 108 6.86 4.74 10.35
CA THR A 108 7.55 5.94 9.90
C THR A 108 8.90 5.51 9.39
N PHE A 109 9.46 6.33 8.48
CA PHE A 109 10.84 6.17 8.09
C PHE A 109 11.54 7.53 8.08
N GLY A 110 12.83 7.50 8.35
CA GLY A 110 13.58 8.71 8.56
C GLY A 110 15.02 8.41 8.82
N PRO A 111 15.78 9.47 9.08
CA PRO A 111 17.23 9.37 9.15
C PRO A 111 17.67 8.90 10.53
N TYR A 112 18.69 8.06 10.52
CA TYR A 112 19.37 7.67 11.76
C TYR A 112 20.83 7.44 11.43
N GLU A 113 21.69 8.29 11.98
CA GLU A 113 23.14 8.13 11.88
C GLU A 113 23.59 7.84 10.45
N GLY A 114 23.08 8.65 9.53
CA GLY A 114 23.51 8.61 8.13
C GLY A 114 22.72 7.68 7.23
N SER A 115 21.80 6.89 7.79
CA SER A 115 21.03 5.92 7.02
C SER A 115 19.56 6.32 7.03
N THR A 116 18.81 5.87 6.06
CA THR A 116 17.36 5.97 6.09
C THR A 116 16.84 4.65 6.63
N VAL A 117 16.07 4.69 7.73
CA VAL A 117 15.64 3.47 8.40
C VAL A 117 14.15 3.55 8.69
N ILE A 118 13.58 2.39 8.97
CA ILE A 118 12.21 2.33 9.50
C ILE A 118 12.30 2.73 10.99
N THR A 119 11.81 3.93 11.32
CA THR A 119 11.98 4.45 12.68
C THR A 119 10.91 3.94 13.64
N SER A 120 9.75 3.56 13.12
CA SER A 120 8.73 2.98 13.97
C SER A 120 7.82 2.10 13.12
N ILE A 121 7.14 1.19 13.83
CA ILE A 121 6.15 0.33 13.17
C ILE A 121 5.02 0.05 14.14
N ASN A 122 3.87 -0.30 13.59
CA ASN A 122 2.63 -0.45 14.35
C ASN A 122 1.77 -1.51 13.65
N PHE A 123 1.06 -2.32 14.42
CA PHE A 123 0.28 -3.43 13.89
C PHE A 123 -1.13 -3.36 14.42
N ILE A 124 -2.13 -3.41 13.53
CA ILE A 124 -3.52 -3.49 13.96
C ILE A 124 -4.07 -4.83 13.49
N THR A 125 -4.55 -5.65 14.43
CA THR A 125 -5.21 -6.91 14.08
C THR A 125 -6.72 -6.70 14.20
N ASN A 126 -7.48 -7.74 13.81
CA ASN A 126 -8.92 -7.66 14.03
C ASN A 126 -9.32 -7.71 15.51
N LYS A 127 -8.36 -7.94 16.40
CA LYS A 127 -8.64 -8.01 17.83
C LYS A 127 -7.97 -6.92 18.67
N GLN A 128 -6.86 -6.35 18.23
CA GLN A 128 -6.13 -5.40 19.07
C GLN A 128 -5.06 -4.72 18.27
N THR A 129 -4.39 -3.75 18.90
CA THR A 129 -3.27 -3.05 18.32
C THR A 129 -2.01 -3.35 19.11
N TYR A 130 -0.92 -3.58 18.39
CA TYR A 130 0.41 -3.74 18.96
C TYR A 130 1.28 -2.60 18.45
N GLY A 131 1.77 -1.76 19.36
CA GLY A 131 2.63 -0.65 19.04
C GLY A 131 1.99 0.66 19.45
N PRO A 132 2.59 1.78 19.04
CA PRO A 132 3.72 1.78 18.09
C PRO A 132 5.04 1.43 18.76
N PHE A 133 5.95 0.84 17.98
CA PHE A 133 7.27 0.44 18.45
C PHE A 133 8.30 1.27 17.71
N GLY A 134 9.21 1.87 18.45
CA GLY A 134 10.20 2.71 17.81
C GLY A 134 9.96 4.18 18.08
N ARG A 135 10.60 5.03 17.27
N ARG A 135 10.56 5.02 17.25
CA ARG A 135 10.44 6.47 17.37
CA ARG A 135 10.43 6.47 17.39
C ARG A 135 9.59 6.93 16.21
C ARG A 135 9.61 6.97 16.22
N GLN A 136 8.49 7.61 16.51
CA GLN A 136 7.56 8.06 15.47
C GLN A 136 8.11 9.35 14.90
N GLU A 137 9.09 9.20 14.01
CA GLU A 137 9.75 10.37 13.47
C GLU A 137 9.92 10.14 11.98
N GLY A 138 9.64 11.17 11.18
CA GLY A 138 9.91 11.09 9.75
C GLY A 138 8.64 11.02 8.92
N THR A 139 8.71 10.32 7.81
CA THR A 139 7.60 10.16 6.86
C THR A 139 6.73 8.97 7.24
N PRO A 140 5.42 9.14 7.34
CA PRO A 140 4.56 8.01 7.67
C PRO A 140 4.30 7.16 6.45
N PHE A 141 4.01 5.90 6.71
CA PHE A 141 3.49 4.99 5.70
C PHE A 141 2.47 4.07 6.37
N SER A 142 1.61 3.46 5.54
CA SER A 142 0.55 2.64 6.09
C SER A 142 -0.02 1.73 5.00
N VAL A 143 -0.47 0.56 5.44
CA VAL A 143 -1.13 -0.40 4.55
C VAL A 143 -2.40 -0.82 5.25
N PRO A 144 -3.49 -0.09 5.10
CA PRO A 144 -4.76 -0.52 5.69
C PRO A 144 -5.46 -1.51 4.77
N ALA A 145 -5.39 -2.79 5.12
CA ALA A 145 -6.00 -3.83 4.30
C ALA A 145 -7.47 -3.95 4.65
N GLN A 146 -8.33 -3.84 3.64
N GLN A 146 -8.34 -3.86 3.65
CA GLN A 146 -9.79 -3.78 3.84
CA GLN A 146 -9.78 -3.80 3.88
C GLN A 146 -10.47 -5.07 3.38
C GLN A 146 -10.46 -5.08 3.37
N ASN A 147 -11.78 -5.12 3.55
CA ASN A 147 -12.61 -6.24 3.05
C ASN A 147 -12.13 -7.60 3.57
N ASN A 148 -11.75 -7.66 4.85
CA ASN A 148 -11.37 -8.94 5.44
C ASN A 148 -10.10 -9.56 4.80
N SER A 149 -9.31 -8.75 4.07
CA SER A 149 -8.04 -9.28 3.62
C SER A 149 -7.07 -9.23 4.79
N SER A 150 -5.92 -9.88 4.62
N SER A 150 -5.95 -9.95 4.66
CA SER A 150 -5.00 -10.07 5.74
CA SER A 150 -4.99 -10.07 5.76
C SER A 150 -3.57 -9.86 5.26
C SER A 150 -3.59 -9.81 5.25
N ILE A 151 -2.76 -9.22 6.10
CA ILE A 151 -1.36 -9.04 5.80
C ILE A 151 -0.64 -10.31 6.29
N VAL A 152 -0.02 -11.04 5.37
CA VAL A 152 0.47 -12.39 5.64
C VAL A 152 1.98 -12.53 5.55
N GLY A 153 2.72 -11.45 5.26
CA GLY A 153 4.16 -11.56 5.20
C GLY A 153 4.76 -10.21 4.89
N PHE A 154 6.08 -10.16 4.86
CA PHE A 154 6.83 -8.92 4.69
C PHE A 154 7.98 -9.14 3.73
N PHE A 155 8.49 -8.04 3.20
CA PHE A 155 9.71 -7.98 2.41
C PHE A 155 10.31 -6.59 2.66
N GLY A 156 11.51 -6.38 2.15
CA GLY A 156 12.06 -5.05 2.26
C GLY A 156 13.55 -4.99 1.93
N ARG A 157 14.25 -4.15 2.66
CA ARG A 157 15.68 -3.98 2.50
C ARG A 157 16.24 -3.80 3.89
N SER A 158 17.37 -4.46 4.15
CA SER A 158 17.99 -4.34 5.47
C SER A 158 19.47 -4.65 5.37
N GLY A 159 20.17 -4.18 6.38
CA GLY A 159 21.57 -4.51 6.57
C GLY A 159 21.80 -4.32 8.04
N LYS A 160 22.59 -3.31 8.40
CA LYS A 160 22.70 -2.96 9.80
C LYS A 160 21.37 -2.53 10.40
N TYR A 161 20.50 -1.93 9.60
CA TYR A 161 19.21 -1.44 10.05
C TYR A 161 18.16 -2.05 9.15
N ILE A 162 16.89 -1.78 9.45
CA ILE A 162 15.82 -2.04 8.49
C ILE A 162 15.66 -0.75 7.70
N ASN A 163 15.98 -0.80 6.42
CA ASN A 163 15.97 0.38 5.55
C ASN A 163 14.64 0.59 4.83
N ALA A 164 13.87 -0.48 4.59
CA ALA A 164 12.58 -0.39 3.92
C ALA A 164 11.75 -1.62 4.25
N VAL A 165 10.43 -1.47 4.17
CA VAL A 165 9.57 -2.62 4.42
C VAL A 165 8.33 -2.51 3.53
N GLY A 166 7.87 -3.68 3.05
CA GLY A 166 6.63 -3.81 2.32
C GLY A 166 5.91 -5.03 2.86
N VAL A 167 4.70 -5.30 2.33
CA VAL A 167 3.92 -6.42 2.83
C VAL A 167 3.26 -7.23 1.72
N TYR A 168 2.90 -8.45 2.06
CA TYR A 168 2.06 -9.33 1.26
C TYR A 168 0.64 -9.29 1.84
N VAL A 169 -0.35 -9.16 0.95
CA VAL A 169 -1.76 -9.06 1.36
C VAL A 169 -2.56 -10.13 0.65
N GLN A 170 -3.31 -10.93 1.43
CA GLN A 170 -4.13 -12.02 0.90
C GLN A 170 -5.60 -11.67 1.05
N PRO A 171 -6.35 -11.57 -0.05
CA PRO A 171 -7.78 -11.26 0.06
C PRO A 171 -8.53 -12.49 0.54
N ILE A 172 -9.72 -12.27 1.08
CA ILE A 172 -10.62 -13.33 1.52
C ILE A 172 -11.14 -14.04 0.28
N MET B 23 -6.97 -15.70 -17.45
CA MET B 23 -6.06 -16.42 -16.55
C MET B 23 -6.22 -15.93 -15.10
N LEU B 24 -5.41 -14.95 -14.72
CA LEU B 24 -5.53 -14.37 -13.39
C LEU B 24 -6.67 -13.38 -13.26
N GLU B 25 -7.39 -13.08 -14.35
CA GLU B 25 -8.50 -12.13 -14.27
C GLU B 25 -9.59 -12.62 -13.30
N GLN B 26 -9.69 -13.93 -13.02
CA GLN B 26 -10.66 -14.47 -12.08
C GLN B 26 -10.25 -14.30 -10.62
N CYS B 27 -9.00 -13.92 -10.35
CA CYS B 27 -8.54 -13.86 -8.96
C CYS B 27 -9.24 -12.72 -8.20
N PRO B 28 -9.48 -12.89 -6.89
CA PRO B 28 -10.13 -11.79 -6.17
C PRO B 28 -9.19 -10.59 -6.00
N VAL B 29 -9.81 -9.43 -5.88
CA VAL B 29 -9.07 -8.19 -5.75
C VAL B 29 -8.77 -7.93 -4.27
N THR B 30 -7.79 -7.09 -4.01
CA THR B 30 -7.44 -6.66 -2.67
C THR B 30 -7.74 -5.17 -2.56
N LYS B 31 -8.39 -4.75 -1.48
CA LYS B 31 -8.72 -3.34 -1.26
C LYS B 31 -7.79 -2.80 -0.17
N ILE B 32 -7.04 -1.74 -0.49
CA ILE B 32 -6.03 -1.21 0.43
C ILE B 32 -6.15 0.31 0.45
N GLY B 33 -6.06 0.89 1.64
CA GLY B 33 -6.09 2.32 1.79
C GLY B 33 -7.18 2.81 2.72
N PRO B 34 -7.52 4.11 2.67
CA PRO B 34 -6.96 5.12 1.79
C PRO B 34 -5.79 5.85 2.45
N TRP B 35 -5.25 6.78 1.68
CA TRP B 35 -4.19 7.68 2.11
C TRP B 35 -4.67 9.12 1.94
N GLY B 36 -4.20 9.99 2.85
CA GLY B 36 -4.63 11.37 2.86
C GLY B 36 -5.36 11.72 4.14
N SER B 37 -6.44 12.48 4.00
CA SER B 37 -7.20 12.97 5.15
C SER B 37 -7.78 11.80 5.92
N SER B 38 -7.69 11.86 7.25
CA SER B 38 -8.17 10.75 8.08
C SER B 38 -9.67 10.55 7.96
N HIS B 39 -10.45 11.62 7.84
CA HIS B 39 -11.90 11.47 7.91
C HIS B 39 -12.74 12.48 7.12
N GLU B 40 -12.15 13.48 6.47
CA GLU B 40 -12.92 14.51 5.76
C GLU B 40 -13.40 14.05 4.40
N GLY B 41 -14.54 14.58 3.99
CA GLY B 41 -15.07 14.43 2.64
C GLY B 41 -16.14 13.35 2.52
N THR B 42 -16.78 13.37 1.35
CA THR B 42 -17.83 12.41 1.01
C THR B 42 -17.23 11.08 0.55
N VAL B 43 -17.73 9.97 1.11
CA VAL B 43 -17.18 8.65 0.76
C VAL B 43 -17.56 8.32 -0.67
N GLN B 44 -16.59 7.83 -1.43
CA GLN B 44 -16.77 7.44 -2.82
C GLN B 44 -16.21 6.04 -2.99
N ASP B 45 -16.95 5.20 -3.70
CA ASP B 45 -16.48 3.84 -3.93
C ASP B 45 -17.27 3.24 -5.08
N ILE B 46 -16.98 1.99 -5.39
CA ILE B 46 -17.63 1.32 -6.51
C ILE B 46 -18.27 0.04 -5.99
N THR B 47 -19.35 -0.39 -6.66
CA THR B 47 -20.15 -1.52 -6.19
C THR B 47 -19.98 -2.78 -7.03
N GLU B 48 -18.98 -2.84 -7.88
CA GLU B 48 -18.56 -4.09 -8.49
C GLU B 48 -17.05 -4.23 -8.30
N SER B 49 -16.54 -5.45 -8.44
CA SER B 49 -15.12 -5.72 -8.22
C SER B 49 -14.34 -5.50 -9.51
N PRO B 50 -13.40 -4.57 -9.53
CA PRO B 50 -12.71 -4.24 -10.80
C PRO B 50 -11.68 -5.29 -11.13
N LYS B 51 -11.62 -5.68 -12.41
CA LYS B 51 -10.59 -6.59 -12.86
C LYS B 51 -9.59 -5.98 -13.82
N ARG B 52 -9.97 -4.91 -14.52
CA ARG B 52 -9.05 -4.24 -15.46
C ARG B 52 -9.34 -2.75 -15.46
N LEU B 53 -8.29 -1.93 -15.35
CA LEU B 53 -8.43 -0.48 -15.42
C LEU B 53 -8.28 -0.06 -16.88
N GLU B 54 -9.32 0.57 -17.44
N GLU B 54 -9.31 0.57 -17.45
CA GLU B 54 -9.31 0.96 -18.84
CA GLU B 54 -9.24 0.95 -18.85
C GLU B 54 -8.76 2.36 -19.05
C GLU B 54 -8.77 2.38 -19.07
N SER B 55 -9.15 3.31 -18.18
CA SER B 55 -8.78 4.71 -18.37
C SER B 55 -8.96 5.45 -17.07
N ILE B 56 -8.25 6.58 -16.96
CA ILE B 56 -8.42 7.55 -15.87
C ILE B 56 -8.55 8.93 -16.50
N THR B 57 -9.50 9.74 -16.02
CA THR B 57 -9.53 11.16 -16.38
C THR B 57 -9.29 11.97 -15.11
N LEU B 58 -8.27 12.80 -15.12
CA LEU B 58 -7.93 13.59 -13.95
C LEU B 58 -8.01 15.06 -14.34
N TYR B 59 -8.79 15.84 -13.60
CA TYR B 59 -8.81 17.29 -13.81
C TYR B 59 -7.80 17.91 -12.85
N HIS B 60 -6.98 18.84 -13.35
CA HIS B 60 -5.84 19.30 -12.54
C HIS B 60 -5.33 20.64 -13.06
N GLY B 61 -4.55 21.27 -12.18
CA GLY B 61 -3.88 22.53 -12.49
C GLY B 61 -2.90 22.77 -11.37
N TRP B 62 -3.06 23.88 -10.68
CA TRP B 62 -2.35 24.05 -9.42
C TRP B 62 -2.84 23.05 -8.37
N SER B 63 -4.08 22.55 -8.49
CA SER B 63 -4.68 21.55 -7.62
C SER B 63 -4.91 20.24 -8.38
N VAL B 64 -5.28 19.22 -7.62
CA VAL B 64 -5.84 18.00 -8.16
C VAL B 64 -7.33 18.15 -7.93
N ASP B 65 -8.08 18.36 -9.02
CA ASP B 65 -9.48 18.74 -8.86
C ASP B 65 -10.44 17.56 -8.79
N SER B 66 -10.29 16.57 -9.67
CA SER B 66 -11.21 15.45 -9.63
C SER B 66 -10.58 14.26 -10.31
N ILE B 67 -11.10 13.07 -9.99
CA ILE B 67 -10.68 11.84 -10.64
C ILE B 67 -11.92 11.09 -11.12
N SER B 68 -11.78 10.46 -12.27
CA SER B 68 -12.75 9.53 -12.82
C SER B 68 -11.98 8.34 -13.38
N PHE B 69 -12.65 7.19 -13.51
CA PHE B 69 -11.93 6.07 -14.11
C PHE B 69 -12.94 5.10 -14.66
N THR B 70 -12.53 4.37 -15.70
CA THR B 70 -13.38 3.34 -16.31
C THR B 70 -12.70 2.00 -16.10
N TYR B 71 -13.50 1.00 -15.69
CA TYR B 71 -12.96 -0.31 -15.41
C TYR B 71 -13.90 -1.38 -15.97
N LEU B 72 -13.33 -2.57 -16.19
CA LEU B 72 -14.14 -3.77 -16.42
C LEU B 72 -14.23 -4.51 -15.09
N ASP B 73 -15.41 -5.03 -14.78
CA ASP B 73 -15.57 -5.77 -13.54
C ASP B 73 -15.33 -7.26 -13.76
N HIS B 74 -15.48 -8.05 -12.67
CA HIS B 74 -15.19 -9.48 -12.75
C HIS B 74 -16.25 -10.25 -13.54
N ALA B 75 -17.39 -9.63 -13.82
CA ALA B 75 -18.40 -10.18 -14.72
C ALA B 75 -18.26 -9.66 -16.14
N GLY B 76 -17.19 -8.92 -16.45
CA GLY B 76 -16.95 -8.40 -17.78
C GLY B 76 -17.76 -7.18 -18.15
N GLU B 77 -18.44 -6.55 -17.21
CA GLU B 77 -19.22 -5.36 -17.48
C GLU B 77 -18.37 -4.10 -17.26
N LYS B 78 -18.56 -3.12 -18.12
CA LYS B 78 -17.77 -1.90 -18.05
C LYS B 78 -18.51 -0.86 -17.23
N HIS B 79 -17.76 -0.06 -16.44
CA HIS B 79 -18.36 1.02 -15.70
C HIS B 79 -17.43 2.23 -15.67
N LYS B 80 -18.05 3.41 -15.59
CA LYS B 80 -17.29 4.65 -15.34
C LYS B 80 -17.66 5.18 -13.97
N ALA B 81 -16.64 5.40 -13.12
CA ALA B 81 -16.80 5.95 -11.80
C ALA B 81 -16.33 7.39 -11.84
N GLY B 82 -17.05 8.28 -11.14
CA GLY B 82 -16.67 9.67 -11.04
C GLY B 82 -17.42 10.56 -12.00
N PRO B 83 -17.12 11.87 -11.98
CA PRO B 83 -15.98 12.45 -11.25
C PRO B 83 -16.16 12.56 -9.72
N TRP B 84 -15.06 12.27 -9.00
CA TRP B 84 -14.94 12.45 -7.55
C TRP B 84 -14.07 13.68 -7.35
N GLY B 85 -14.64 14.75 -6.85
CA GLY B 85 -13.91 16.00 -6.67
C GLY B 85 -14.77 17.17 -7.09
N GLY B 86 -14.13 18.30 -7.31
CA GLY B 86 -14.83 19.50 -7.66
C GLY B 86 -14.70 19.85 -9.13
N PRO B 87 -15.20 21.01 -9.54
CA PRO B 87 -15.33 21.28 -10.97
C PRO B 87 -14.16 22.01 -11.63
N GLY B 88 -13.04 22.25 -10.98
CA GLY B 88 -11.97 23.03 -11.60
C GLY B 88 -11.00 22.18 -12.42
N GLY B 89 -9.98 22.86 -12.95
CA GLY B 89 -8.86 22.19 -13.59
C GLY B 89 -9.13 21.89 -15.05
N ASP B 90 -8.11 21.36 -15.70
CA ASP B 90 -8.19 20.88 -17.07
C ASP B 90 -7.94 19.37 -17.11
N PRO B 91 -8.60 18.66 -18.02
CA PRO B 91 -8.47 17.21 -17.96
C PRO B 91 -7.27 16.66 -18.71
N ILE B 92 -6.76 15.57 -18.19
CA ILE B 92 -5.96 14.63 -18.96
C ILE B 92 -6.69 13.30 -18.92
N MET B 93 -6.76 12.64 -20.06
N MET B 93 -6.78 12.64 -20.07
CA MET B 93 -7.33 11.31 -20.12
CA MET B 93 -7.32 11.30 -20.13
C MET B 93 -6.20 10.33 -20.43
C MET B 93 -6.18 10.34 -20.41
N ILE B 94 -6.00 9.36 -19.53
CA ILE B 94 -4.97 8.36 -19.64
C ILE B 94 -5.65 7.08 -20.08
N GLU B 95 -5.35 6.63 -21.28
CA GLU B 95 -5.99 5.42 -21.83
C GLU B 95 -4.99 4.26 -21.74
N PHE B 96 -5.34 3.22 -21.01
CA PHE B 96 -4.40 2.13 -20.84
C PHE B 96 -4.29 1.32 -22.12
N GLY B 97 -3.05 1.15 -22.58
CA GLY B 97 -2.76 0.30 -23.72
C GLY B 97 -3.09 -1.15 -23.42
N SER B 98 -3.10 -1.96 -24.48
CA SER B 98 -3.56 -3.33 -24.29
C SER B 98 -2.63 -4.15 -23.41
N SER B 99 -1.38 -3.72 -23.24
CA SER B 99 -0.47 -4.41 -22.35
C SER B 99 0.01 -3.48 -21.24
N GLU B 100 -0.74 -2.43 -20.97
CA GLU B 100 -0.35 -1.41 -19.98
C GLU B 100 -1.17 -1.60 -18.70
N PHE B 101 -0.49 -1.54 -17.56
N PHE B 101 -0.49 -1.50 -17.57
CA PHE B 101 -1.15 -1.69 -16.29
CA PHE B 101 -1.09 -1.75 -16.26
C PHE B 101 -0.54 -0.70 -15.31
C PHE B 101 -0.52 -0.72 -15.30
N LEU B 102 -1.34 -0.35 -14.30
CA LEU B 102 -0.95 0.67 -13.34
C LEU B 102 -0.15 0.02 -12.21
N LYS B 103 1.09 0.46 -12.03
CA LYS B 103 1.96 -0.15 -11.05
C LYS B 103 2.04 0.63 -9.76
N GLU B 104 1.82 1.95 -9.81
CA GLU B 104 1.97 2.74 -8.60
C GLU B 104 1.18 4.02 -8.76
N VAL B 105 0.54 4.45 -7.68
CA VAL B 105 0.01 5.80 -7.53
C VAL B 105 0.79 6.44 -6.40
N SER B 106 1.19 7.68 -6.60
CA SER B 106 1.93 8.37 -5.57
C SER B 106 1.55 9.84 -5.60
N GLY B 107 1.98 10.58 -4.60
CA GLY B 107 1.70 11.99 -4.64
C GLY B 107 1.99 12.65 -3.32
N THR B 108 1.26 13.73 -3.06
CA THR B 108 1.43 14.50 -1.80
C THR B 108 0.06 14.91 -1.31
N PHE B 109 -0.02 15.13 -0.01
CA PHE B 109 -1.25 15.65 0.59
C PHE B 109 -0.87 16.66 1.67
N GLY B 110 -1.81 17.56 1.95
CA GLY B 110 -1.55 18.61 2.89
C GLY B 110 -2.73 19.52 3.04
N PRO B 111 -2.60 20.52 3.90
CA PRO B 111 -3.77 21.34 4.27
C PRO B 111 -4.08 22.35 3.19
N TYR B 112 -5.36 22.57 2.98
CA TYR B 112 -5.81 23.63 2.08
C TYR B 112 -7.18 24.11 2.55
N GLU B 113 -7.25 25.38 2.93
CA GLU B 113 -8.51 26.01 3.34
C GLU B 113 -9.22 25.18 4.43
N GLY B 114 -8.45 24.68 5.38
CA GLY B 114 -9.03 24.06 6.54
C GLY B 114 -9.28 22.57 6.42
N SER B 115 -9.05 21.99 5.25
CA SER B 115 -9.19 20.56 5.03
C SER B 115 -7.87 20.00 4.50
N THR B 116 -7.64 18.72 4.72
CA THR B 116 -6.51 18.02 4.12
C THR B 116 -6.93 17.50 2.75
N VAL B 117 -6.12 17.80 1.71
CA VAL B 117 -6.41 17.38 0.35
C VAL B 117 -5.18 16.73 -0.29
N ILE B 118 -5.44 15.89 -1.29
CA ILE B 118 -4.37 15.44 -2.19
C ILE B 118 -3.92 16.66 -2.98
N THR B 119 -2.67 17.05 -2.83
CA THR B 119 -2.12 18.21 -3.53
C THR B 119 -1.45 17.85 -4.84
N SER B 120 -0.88 16.64 -4.94
CA SER B 120 -0.32 16.16 -6.21
C SER B 120 -0.55 14.65 -6.33
N ILE B 121 -0.57 14.19 -7.58
CA ILE B 121 -0.78 12.79 -7.84
C ILE B 121 0.01 12.42 -9.10
N ASN B 122 0.40 11.15 -9.17
N ASN B 122 0.51 11.18 -9.11
CA ASN B 122 1.32 10.64 -10.19
CA ASN B 122 1.29 10.61 -10.19
C ASN B 122 0.94 9.18 -10.43
C ASN B 122 0.78 9.20 -10.44
N PHE B 123 0.83 8.79 -11.70
CA PHE B 123 0.43 7.44 -12.10
C PHE B 123 1.58 6.79 -12.85
N ILE B 124 2.12 5.70 -12.34
CA ILE B 124 3.28 5.04 -12.94
C ILE B 124 2.79 3.71 -13.50
N THR B 125 2.83 3.55 -14.81
CA THR B 125 2.48 2.27 -15.40
C THR B 125 3.74 1.54 -15.77
N ASN B 126 3.58 0.32 -16.29
CA ASN B 126 4.70 -0.41 -16.83
C ASN B 126 5.24 0.22 -18.12
N LYS B 127 4.54 1.20 -18.70
CA LYS B 127 4.99 1.79 -19.95
C LYS B 127 5.46 3.22 -19.79
N GLN B 128 4.91 3.98 -18.85
CA GLN B 128 5.11 5.42 -18.82
C GLN B 128 4.71 5.94 -17.46
N THR B 129 5.19 7.15 -17.13
CA THR B 129 4.71 7.88 -15.97
C THR B 129 3.85 9.06 -16.43
N TYR B 130 2.70 9.23 -15.80
CA TYR B 130 1.84 10.36 -16.08
C TYR B 130 1.78 11.19 -14.82
N GLY B 131 2.30 12.41 -14.89
CA GLY B 131 2.35 13.30 -13.76
C GLY B 131 3.76 13.83 -13.56
N PRO B 132 4.00 14.56 -12.48
CA PRO B 132 3.03 14.86 -11.43
C PRO B 132 2.01 15.91 -11.85
N PHE B 133 0.80 15.73 -11.32
CA PHE B 133 -0.27 16.68 -11.49
C PHE B 133 -0.56 17.34 -10.16
N GLY B 134 -0.82 18.66 -10.20
CA GLY B 134 -1.07 19.50 -9.03
C GLY B 134 0.22 20.13 -8.56
N ARG B 135 0.40 20.20 -7.24
CA ARG B 135 1.55 20.88 -6.65
C ARG B 135 2.20 19.97 -5.62
N GLN B 136 3.54 19.89 -5.66
CA GLN B 136 4.24 18.87 -4.87
C GLN B 136 4.56 19.47 -3.50
N GLU B 137 3.56 19.44 -2.64
CA GLU B 137 3.63 20.12 -1.36
C GLU B 137 2.92 19.29 -0.29
N GLY B 138 3.56 19.24 0.88
CA GLY B 138 3.00 18.52 2.00
C GLY B 138 3.66 17.18 2.21
N THR B 139 2.89 16.21 2.67
CA THR B 139 3.38 14.88 3.00
C THR B 139 3.32 13.97 1.78
N PRO B 140 4.40 13.27 1.44
CA PRO B 140 4.34 12.34 0.31
C PRO B 140 3.63 11.06 0.69
N PHE B 141 3.01 10.43 -0.29
CA PHE B 141 2.49 9.09 -0.14
C PHE B 141 2.80 8.30 -1.41
N SER B 142 2.82 6.97 -1.28
CA SER B 142 3.12 6.09 -2.41
C SER B 142 2.43 4.75 -2.19
N VAL B 143 1.90 4.20 -3.29
CA VAL B 143 1.24 2.90 -3.24
C VAL B 143 1.84 2.05 -4.36
N PRO B 144 2.94 1.36 -4.13
CA PRO B 144 3.59 0.60 -5.22
C PRO B 144 3.11 -0.84 -5.21
N ALA B 145 2.58 -1.32 -6.31
CA ALA B 145 2.23 -2.72 -6.46
C ALA B 145 3.41 -3.45 -7.10
N GLN B 146 3.85 -4.55 -6.49
N GLN B 146 3.87 -4.53 -6.47
CA GLN B 146 5.01 -5.29 -6.98
CA GLN B 146 5.08 -5.22 -6.90
C GLN B 146 4.63 -6.56 -7.75
C GLN B 146 4.74 -6.50 -7.68
N ASN B 147 5.65 -7.11 -8.42
N ASN B 147 5.74 -7.00 -8.41
CA ASN B 147 5.58 -8.40 -9.09
CA ASN B 147 5.67 -8.26 -9.14
C ASN B 147 4.27 -8.59 -9.84
C ASN B 147 4.43 -8.39 -10.03
N ASN B 148 3.46 -9.52 -9.35
N ASN B 148 3.52 -9.27 -9.64
CA ASN B 148 2.21 -9.88 -9.98
CA ASN B 148 2.38 -9.63 -10.48
C ASN B 148 1.03 -9.11 -9.38
C ASN B 148 1.15 -8.77 -10.23
N SER B 149 1.11 -7.78 -9.41
N SER B 149 1.23 -7.76 -9.37
CA SER B 149 0.07 -6.94 -8.85
CA SER B 149 0.07 -6.98 -8.94
C SER B 149 -0.09 -5.69 -9.71
C SER B 149 -0.09 -5.73 -9.80
N SER B 150 -1.33 -5.27 -9.92
CA SER B 150 -1.61 -4.00 -10.59
C SER B 150 -2.85 -3.35 -10.02
N ILE B 151 -2.87 -2.02 -10.06
CA ILE B 151 -3.94 -1.22 -9.50
C ILE B 151 -5.06 -1.10 -10.54
N VAL B 152 -6.25 -1.60 -10.18
CA VAL B 152 -7.36 -1.72 -11.14
C VAL B 152 -8.54 -0.82 -10.80
N GLY B 153 -8.50 -0.10 -9.68
CA GLY B 153 -9.56 0.84 -9.37
C GLY B 153 -9.24 1.58 -8.11
N PHE B 154 -10.16 2.49 -7.75
CA PHE B 154 -9.96 3.45 -6.66
C PHE B 154 -11.20 3.56 -5.81
N PHE B 155 -11.00 4.08 -4.57
CA PHE B 155 -12.07 4.55 -3.69
C PHE B 155 -11.50 5.72 -2.93
N GLY B 156 -12.32 6.41 -2.16
CA GLY B 156 -11.75 7.53 -1.41
C GLY B 156 -12.81 8.43 -0.82
N ARG B 157 -12.40 9.68 -0.58
CA ARG B 157 -13.32 10.69 -0.08
C ARG B 157 -13.01 11.99 -0.78
N SER B 158 -14.05 12.78 -1.06
CA SER B 158 -13.83 13.96 -1.87
C SER B 158 -14.79 15.07 -1.47
N GLY B 159 -14.48 16.27 -1.94
CA GLY B 159 -15.39 17.41 -1.86
C GLY B 159 -15.19 18.32 -3.05
N LYS B 160 -14.64 19.51 -2.78
CA LYS B 160 -14.12 20.36 -3.84
C LYS B 160 -12.83 19.80 -4.43
N TYR B 161 -12.10 19.00 -3.67
CA TYR B 161 -10.88 18.36 -4.16
C TYR B 161 -10.99 16.91 -3.72
N ILE B 162 -9.88 16.19 -3.74
CA ILE B 162 -9.88 14.80 -3.28
C ILE B 162 -9.24 14.80 -1.90
N ASN B 163 -9.98 14.33 -0.89
CA ASN B 163 -9.44 14.33 0.47
C ASN B 163 -8.60 13.10 0.77
N ALA B 164 -9.00 11.94 0.25
CA ALA B 164 -8.25 10.71 0.48
C ALA B 164 -8.51 9.77 -0.68
N VAL B 165 -7.52 8.92 -0.99
CA VAL B 165 -7.68 7.96 -2.09
C VAL B 165 -7.12 6.60 -1.66
N GLY B 166 -7.82 5.53 -2.05
CA GLY B 166 -7.34 4.18 -1.87
C GLY B 166 -7.43 3.41 -3.18
N VAL B 167 -6.92 2.18 -3.14
CA VAL B 167 -6.81 1.38 -4.36
C VAL B 167 -7.36 -0.02 -4.21
N TYR B 168 -7.75 -0.55 -5.37
CA TYR B 168 -8.02 -1.96 -5.55
C TYR B 168 -6.90 -2.54 -6.38
N VAL B 169 -6.40 -3.69 -5.96
CA VAL B 169 -5.21 -4.30 -6.54
C VAL B 169 -5.54 -5.73 -6.99
N GLN B 170 -5.16 -6.07 -8.22
CA GLN B 170 -5.49 -7.38 -8.81
C GLN B 170 -4.24 -8.06 -9.33
N PRO B 171 -4.06 -9.36 -9.11
CA PRO B 171 -2.98 -10.09 -9.82
C PRO B 171 -3.10 -9.95 -11.34
N ILE B 172 -1.94 -9.88 -11.99
CA ILE B 172 -1.91 -9.75 -13.44
C ILE B 172 -0.97 -10.83 -13.98
#